data_7KCJ
#
_entry.id   7KCJ
#
_cell.length_a   61.89
_cell.length_b   61.89
_cell.length_c   173.03
_cell.angle_alpha   90
_cell.angle_beta   90
_cell.angle_gamma   120
#
_symmetry.space_group_name_H-M   'P 32 2 1'
#
loop_
_entity.id
_entity.type
_entity.pdbx_description
1 polymer 'Eukaryotic translation initiation factor 4E type 5'
2 water water
#
_entity_poly.entity_id   1
_entity_poly.type   'polypeptide(L)'
_entity_poly.pdbx_seq_one_letter_code
;MGMKSATMSATHALRDKWFVSFLPLLTADMVNTDYKGNWQLAAQERTQKLDWITSVEELWSTMNSLPKVHQLGMGSTLIF
ARNNKEPPSYEAYPNGSRIMINLLKPPTTDAGLELVLAVVMGETAAEKASDGKPVCDVLRIAARPSREHSEQIRVEVWLS
DSTRSHAVAEFLAEAMRAKGLAANSYNIAEASFDAAAPGKDKKVLAASTMPSPSSPPMVKDAAALEHHHHHH
;
_entity_poly.pdbx_strand_id   A,B
#
# COMPACT_ATOMS: atom_id res chain seq x y z
N THR A 11 -28.33 2.42 -2.49
CA THR A 11 -29.12 1.84 -3.58
C THR A 11 -29.58 2.96 -4.50
N HIS A 12 -28.61 3.60 -5.15
CA HIS A 12 -28.85 4.71 -6.07
CA HIS A 12 -28.85 4.70 -6.07
C HIS A 12 -27.81 4.75 -7.20
N ALA A 13 -27.95 5.69 -8.15
CA ALA A 13 -27.08 5.80 -9.30
C ALA A 13 -26.01 6.90 -9.18
N LEU A 14 -24.93 6.79 -9.96
CA LEU A 14 -23.90 7.81 -10.02
C LEU A 14 -24.19 8.66 -11.25
N ARG A 15 -23.73 9.93 -11.24
CA ARG A 15 -23.90 10.77 -12.42
C ARG A 15 -22.85 10.31 -13.46
N ASP A 16 -23.29 10.05 -14.69
CA ASP A 16 -22.39 9.53 -15.76
C ASP A 16 -21.65 8.24 -15.27
N LYS A 17 -20.53 7.84 -15.86
CA LYS A 17 -19.77 6.69 -15.37
C LYS A 17 -18.38 7.15 -14.95
N TRP A 18 -17.76 6.41 -14.03
CA TRP A 18 -16.45 6.73 -13.50
C TRP A 18 -15.54 5.51 -13.69
N PHE A 19 -14.32 5.71 -14.19
CA PHE A 19 -13.38 4.60 -14.33
C PHE A 19 -12.47 4.55 -13.10
N VAL A 20 -12.33 3.35 -12.54
CA VAL A 20 -11.54 3.14 -11.33
C VAL A 20 -10.21 2.47 -11.69
N SER A 21 -9.12 2.99 -11.16
CA SER A 21 -7.80 2.42 -11.40
C SER A 21 -6.93 2.57 -10.15
N PHE A 22 -5.94 1.70 -10.01
CA PHE A 22 -5.07 1.70 -8.84
C PHE A 22 -3.62 1.89 -9.27
N LEU A 23 -2.96 2.90 -8.77
CA LEU A 23 -1.55 3.14 -9.07
C LEU A 23 -0.71 2.91 -7.82
N PRO A 24 0.08 1.85 -7.78
CA PRO A 24 0.91 1.59 -6.60
C PRO A 24 2.11 2.52 -6.48
N LEU A 25 2.87 2.41 -5.38
CA LEU A 25 4.11 3.15 -5.16
C LEU A 25 5.10 2.82 -6.26
N LEU A 26 5.72 3.85 -6.88
CA LEU A 26 6.70 3.63 -7.91
C LEU A 26 8.09 3.67 -7.28
N THR A 27 8.86 2.61 -7.48
CA THR A 27 10.18 2.52 -6.91
C THR A 27 11.25 2.85 -7.98
N ALA A 28 12.32 3.51 -7.53
CA ALA A 28 13.39 4.05 -8.40
C ALA A 28 14.09 3.08 -9.33
N ASP A 29 14.56 1.91 -8.86
CA ASP A 29 15.30 0.99 -9.75
C ASP A 29 14.45 0.53 -10.92
N MET A 30 13.17 0.30 -10.68
CA MET A 30 12.27 -0.12 -11.74
C MET A 30 12.09 1.01 -12.78
N VAL A 31 11.92 2.26 -12.33
CA VAL A 31 11.74 3.38 -13.24
C VAL A 31 12.98 3.55 -14.11
N ASN A 32 14.17 3.54 -13.47
CA ASN A 32 15.43 3.71 -14.17
C ASN A 32 15.74 2.56 -15.14
N THR A 33 15.55 1.31 -14.70
CA THR A 33 15.91 0.16 -15.55
C THR A 33 14.86 -0.19 -16.62
N ASP A 34 13.57 -0.21 -16.25
CA ASP A 34 12.51 -0.59 -17.20
C ASP A 34 11.90 0.58 -17.99
N TYR A 35 11.92 1.80 -17.45
CA TYR A 35 11.26 2.94 -18.09
C TYR A 35 12.19 4.12 -18.36
N LYS A 36 13.51 3.84 -18.46
CA LYS A 36 14.57 4.80 -18.78
C LYS A 36 14.54 6.09 -17.96
N GLY A 37 14.20 5.97 -16.67
CA GLY A 37 14.15 7.13 -15.76
C GLY A 37 12.97 8.05 -15.94
N ASN A 38 11.95 7.58 -16.65
CA ASN A 38 10.77 8.38 -16.94
C ASN A 38 9.64 7.97 -15.99
N TRP A 39 9.36 8.80 -15.00
CA TRP A 39 8.34 8.53 -13.99
C TRP A 39 6.91 8.64 -14.49
N GLN A 40 6.67 9.44 -15.52
CA GLN A 40 5.33 9.57 -16.09
C GLN A 40 5.03 8.32 -16.93
N LEU A 41 6.03 7.82 -17.69
CA LEU A 41 5.89 6.58 -18.46
C LEU A 41 5.69 5.42 -17.48
N ALA A 42 6.47 5.35 -16.39
CA ALA A 42 6.31 4.30 -15.37
C ALA A 42 4.90 4.30 -14.80
N ALA A 43 4.33 5.49 -14.55
CA ALA A 43 2.96 5.64 -14.04
C ALA A 43 1.93 5.09 -15.01
N GLN A 44 2.08 5.40 -16.30
CA GLN A 44 1.20 4.94 -17.35
C GLN A 44 1.23 3.42 -17.42
N GLU A 45 2.43 2.83 -17.35
CA GLU A 45 2.56 1.37 -17.47
C GLU A 45 2.24 0.59 -16.20
N ARG A 46 2.49 1.17 -15.01
CA ARG A 46 2.27 0.44 -13.79
C ARG A 46 0.92 0.69 -13.15
N THR A 47 0.05 1.50 -13.78
CA THR A 47 -1.32 1.67 -13.34
C THR A 47 -2.05 0.32 -13.57
N GLN A 48 -2.89 -0.11 -12.60
CA GLN A 48 -3.65 -1.33 -12.71
C GLN A 48 -5.10 -0.92 -12.88
N LYS A 49 -5.67 -1.14 -14.06
CA LYS A 49 -7.05 -0.75 -14.33
C LYS A 49 -8.05 -1.69 -13.68
N LEU A 50 -9.13 -1.11 -13.14
CA LEU A 50 -10.19 -1.92 -12.58
C LEU A 50 -11.29 -1.91 -13.64
N ASP A 51 -12.36 -1.11 -13.52
CA ASP A 51 -13.43 -1.06 -14.51
C ASP A 51 -14.35 0.17 -14.25
N TRP A 52 -15.32 0.39 -15.14
CA TRP A 52 -16.29 1.46 -15.00
C TRP A 52 -17.26 1.16 -13.88
N ILE A 53 -17.74 2.20 -13.19
CA ILE A 53 -18.78 2.06 -12.19
C ILE A 53 -19.90 3.07 -12.53
N THR A 54 -21.16 2.61 -12.50
CA THR A 54 -22.32 3.44 -12.81
C THR A 54 -23.33 3.53 -11.65
N SER A 55 -23.10 2.81 -10.56
CA SER A 55 -24.04 2.75 -9.46
C SER A 55 -23.32 2.69 -8.12
N VAL A 56 -24.05 3.01 -7.04
CA VAL A 56 -23.52 2.95 -5.68
C VAL A 56 -23.14 1.50 -5.32
N GLU A 57 -23.91 0.51 -5.82
CA GLU A 57 -23.59 -0.89 -5.55
C GLU A 57 -22.29 -1.30 -6.24
N GLU A 58 -22.05 -0.82 -7.47
CA GLU A 58 -20.82 -1.08 -8.18
C GLU A 58 -19.63 -0.37 -7.49
N LEU A 59 -19.87 0.83 -6.94
CA LEU A 59 -18.85 1.56 -6.21
C LEU A 59 -18.44 0.76 -4.94
N TRP A 60 -19.39 0.37 -4.09
CA TRP A 60 -19.04 -0.33 -2.85
C TRP A 60 -18.53 -1.77 -3.12
N SER A 61 -18.97 -2.42 -4.23
CA SER A 61 -18.41 -3.73 -4.60
C SER A 61 -16.96 -3.57 -4.99
N THR A 62 -16.61 -2.48 -5.72
CA THR A 62 -15.23 -2.17 -6.11
C THR A 62 -14.38 -1.93 -4.85
N MET A 63 -14.88 -1.13 -3.90
CA MET A 63 -14.17 -0.82 -2.66
C MET A 63 -13.97 -2.07 -1.80
N ASN A 64 -14.97 -2.98 -1.77
CA ASN A 64 -14.92 -4.22 -0.97
C ASN A 64 -13.98 -5.25 -1.57
N SER A 65 -13.64 -5.15 -2.87
CA SER A 65 -12.69 -6.09 -3.49
C SER A 65 -11.22 -5.76 -3.12
N LEU A 66 -10.98 -4.59 -2.53
CA LEU A 66 -9.65 -4.10 -2.20
C LEU A 66 -9.47 -4.07 -0.69
N PRO A 67 -8.22 -4.04 -0.19
CA PRO A 67 -8.02 -3.79 1.26
C PRO A 67 -8.60 -2.41 1.61
N LYS A 68 -8.75 -2.10 2.91
CA LYS A 68 -9.24 -0.76 3.32
C LYS A 68 -8.29 0.32 2.78
N VAL A 69 -8.81 1.53 2.44
CA VAL A 69 -7.97 2.59 1.86
C VAL A 69 -6.66 2.84 2.63
N HIS A 70 -6.72 2.91 3.98
CA HIS A 70 -5.50 3.14 4.77
C HIS A 70 -4.47 2.02 4.62
N GLN A 71 -4.90 0.85 4.18
CA GLN A 71 -4.03 -0.30 3.94
C GLN A 71 -3.53 -0.42 2.54
N LEU A 72 -3.95 0.47 1.61
CA LEU A 72 -3.50 0.38 0.22
C LEU A 72 -2.00 0.58 0.05
N GLY A 73 -1.38 1.34 0.93
CA GLY A 73 0.06 1.56 0.86
C GLY A 73 0.44 2.99 0.60
N MET A 74 1.37 3.49 1.41
CA MET A 74 1.94 4.82 1.33
C MET A 74 2.59 4.96 -0.06
N GLY A 75 2.19 5.99 -0.78
CA GLY A 75 2.70 6.20 -2.13
C GLY A 75 1.74 5.77 -3.21
N SER A 76 0.73 4.93 -2.86
CA SER A 76 -0.24 4.50 -3.84
C SER A 76 -1.40 5.51 -3.99
N THR A 77 -2.22 5.32 -5.03
CA THR A 77 -3.37 6.19 -5.30
C THR A 77 -4.47 5.36 -5.94
N LEU A 78 -5.67 5.47 -5.40
CA LEU A 78 -6.88 4.85 -5.96
C LEU A 78 -7.55 6.00 -6.70
N ILE A 79 -7.74 5.88 -8.01
CA ILE A 79 -8.24 6.98 -8.85
C ILE A 79 -9.62 6.72 -9.44
N PHE A 80 -10.50 7.74 -9.42
CA PHE A 80 -11.84 7.68 -10.02
C PHE A 80 -11.92 8.83 -11.01
N ALA A 81 -12.15 8.54 -12.30
CA ALA A 81 -12.26 9.60 -13.30
C ALA A 81 -13.55 9.51 -14.06
N ARG A 82 -14.32 10.60 -14.10
CA ARG A 82 -15.57 10.60 -14.82
C ARG A 82 -15.33 10.56 -16.35
N ASN A 83 -15.91 9.55 -17.02
CA ASN A 83 -15.84 9.33 -18.48
C ASN A 83 -14.43 9.19 -19.06
N ASN A 84 -13.43 8.79 -18.26
CA ASN A 84 -12.07 8.70 -18.80
C ASN A 84 -11.36 7.48 -18.25
N LYS A 85 -11.01 6.52 -19.12
CA LYS A 85 -10.31 5.33 -18.66
C LYS A 85 -8.78 5.44 -18.72
N GLU A 86 -8.25 6.61 -19.16
CA GLU A 86 -6.81 6.86 -19.21
C GLU A 86 -6.34 7.58 -17.93
N PRO A 87 -5.03 7.56 -17.60
CA PRO A 87 -4.57 8.28 -16.40
C PRO A 87 -4.93 9.76 -16.47
N PRO A 88 -5.66 10.28 -15.46
CA PRO A 88 -6.05 11.70 -15.52
C PRO A 88 -4.86 12.64 -15.33
N SER A 89 -4.92 13.79 -15.98
CA SER A 89 -3.85 14.78 -15.95
C SER A 89 -4.37 16.15 -15.50
N TYR A 90 -3.50 16.94 -14.81
CA TYR A 90 -3.79 18.33 -14.37
C TYR A 90 -4.11 19.23 -15.57
N GLU A 91 -3.47 18.95 -16.70
CA GLU A 91 -3.54 19.65 -17.97
C GLU A 91 -4.93 19.65 -18.58
N ALA A 92 -5.81 18.72 -18.19
CA ALA A 92 -7.18 18.65 -18.67
C ALA A 92 -8.04 19.81 -18.20
N TYR A 93 -7.60 20.54 -17.15
CA TYR A 93 -8.38 21.64 -16.63
C TYR A 93 -7.57 22.91 -16.59
N PRO A 94 -7.52 23.67 -17.68
CA PRO A 94 -6.77 24.93 -17.66
C PRO A 94 -7.38 25.95 -16.68
N ASN A 95 -8.69 25.80 -16.39
CA ASN A 95 -9.49 26.66 -15.50
C ASN A 95 -9.78 26.03 -14.13
N GLY A 96 -9.18 24.89 -13.83
CA GLY A 96 -9.51 24.13 -12.64
C GLY A 96 -8.61 24.32 -11.45
N SER A 97 -8.94 23.63 -10.36
CA SER A 97 -8.15 23.65 -9.13
C SER A 97 -8.49 22.40 -8.29
N ARG A 98 -7.93 22.28 -7.07
CA ARG A 98 -8.17 21.10 -6.26
C ARG A 98 -8.48 21.38 -4.81
N ILE A 99 -9.13 20.39 -4.15
CA ILE A 99 -9.44 20.45 -2.73
C ILE A 99 -8.84 19.23 -2.08
N MET A 100 -8.01 19.41 -1.05
CA MET A 100 -7.42 18.28 -0.33
C MET A 100 -8.10 18.15 1.00
N ILE A 101 -8.54 16.94 1.31
CA ILE A 101 -9.17 16.62 2.58
C ILE A 101 -8.35 15.53 3.26
N ASN A 102 -7.70 15.83 4.38
CA ASN A 102 -6.95 14.82 5.13
C ASN A 102 -7.81 14.26 6.24
N LEU A 103 -7.96 12.93 6.31
CA LEU A 103 -8.82 12.29 7.30
C LEU A 103 -7.88 11.50 8.19
N LEU A 104 -7.73 11.91 9.45
CA LEU A 104 -6.76 11.31 10.36
C LEU A 104 -7.13 9.97 10.99
N LYS A 105 -8.36 9.80 11.48
CA LYS A 105 -8.72 8.58 12.23
C LYS A 105 -10.22 8.27 12.23
N PRO A 106 -10.63 7.02 12.56
CA PRO A 106 -12.07 6.74 12.64
C PRO A 106 -12.73 7.50 13.79
N PRO A 107 -14.04 7.79 13.67
CA PRO A 107 -14.93 7.51 12.53
C PRO A 107 -14.83 8.50 11.37
N THR A 108 -14.01 9.55 11.51
CA THR A 108 -13.84 10.60 10.48
C THR A 108 -13.39 10.04 9.12
N THR A 109 -12.46 9.10 9.12
CA THR A 109 -11.99 8.50 7.88
C THR A 109 -13.15 7.85 7.09
N ASP A 110 -13.98 7.06 7.78
CA ASP A 110 -15.08 6.38 7.14
C ASP A 110 -16.16 7.35 6.70
N ALA A 111 -16.69 8.16 7.64
CA ALA A 111 -17.75 9.12 7.37
C ALA A 111 -17.35 10.19 6.34
N GLY A 112 -16.12 10.68 6.46
CA GLY A 112 -15.63 11.70 5.54
C GLY A 112 -15.41 11.16 4.14
N LEU A 113 -14.93 9.91 4.05
CA LEU A 113 -14.74 9.29 2.73
C LEU A 113 -16.10 9.09 2.05
N GLU A 114 -17.10 8.61 2.81
CA GLU A 114 -18.45 8.41 2.29
C GLU A 114 -19.05 9.70 1.80
N LEU A 115 -18.90 10.79 2.57
CA LEU A 115 -19.42 12.08 2.20
C LEU A 115 -18.80 12.58 0.90
N VAL A 116 -17.46 12.54 0.78
CA VAL A 116 -16.77 13.03 -0.41
C VAL A 116 -17.16 12.21 -1.63
N LEU A 117 -17.19 10.86 -1.50
CA LEU A 117 -17.60 9.98 -2.60
C LEU A 117 -19.02 10.35 -3.09
N ALA A 118 -19.93 10.61 -2.15
CA ALA A 118 -21.31 10.98 -2.47
C ALA A 118 -21.42 12.36 -3.11
N VAL A 119 -20.78 13.39 -2.53
CA VAL A 119 -20.85 14.73 -3.08
C VAL A 119 -20.25 14.82 -4.52
N VAL A 120 -19.15 14.09 -4.77
CA VAL A 120 -18.50 14.12 -6.08
C VAL A 120 -19.17 13.22 -7.12
N MET A 121 -19.42 11.94 -6.78
CA MET A 121 -19.95 10.98 -7.76
C MET A 121 -21.46 10.74 -7.74
N GLY A 122 -22.10 10.90 -6.59
CA GLY A 122 -23.53 10.66 -6.43
C GLY A 122 -24.41 11.49 -7.34
N GLU A 123 -25.50 10.90 -7.86
CA GLU A 123 -26.40 11.59 -8.78
C GLU A 123 -27.12 12.79 -8.14
N THR A 124 -27.78 12.59 -6.99
CA THR A 124 -28.50 13.68 -6.34
C THR A 124 -27.64 14.47 -5.36
N ALA A 125 -26.64 13.80 -4.74
CA ALA A 125 -25.78 14.48 -3.78
C ALA A 125 -24.82 15.49 -4.45
N ALA A 126 -24.49 15.29 -5.74
CA ALA A 126 -23.61 16.21 -6.46
C ALA A 126 -24.30 17.53 -6.72
N GLU A 127 -25.60 17.48 -7.11
CA GLU A 127 -26.41 18.66 -7.38
C GLU A 127 -26.61 19.51 -6.12
N LYS A 128 -26.66 18.87 -4.95
CA LYS A 128 -26.83 19.56 -3.67
C LYS A 128 -25.62 20.43 -3.34
N ALA A 129 -24.42 19.93 -3.65
CA ALA A 129 -23.16 20.61 -3.38
C ALA A 129 -22.78 21.66 -4.43
N SER A 130 -23.08 21.38 -5.70
CA SER A 130 -22.68 22.22 -6.83
C SER A 130 -23.72 23.24 -7.32
N ASP A 131 -24.79 23.51 -6.54
CA ASP A 131 -25.87 24.43 -6.90
C ASP A 131 -26.81 23.87 -7.99
N GLY A 132 -26.30 22.97 -8.83
CA GLY A 132 -27.04 22.37 -9.93
C GLY A 132 -26.22 22.16 -11.20
N LYS A 133 -24.89 22.11 -11.06
CA LYS A 133 -23.98 21.89 -12.18
C LYS A 133 -22.69 21.33 -11.61
N PRO A 134 -22.61 20.00 -11.45
CA PRO A 134 -21.41 19.41 -10.85
C PRO A 134 -20.14 19.60 -11.67
N VAL A 135 -19.06 19.93 -10.97
CA VAL A 135 -17.79 20.25 -11.60
C VAL A 135 -16.59 19.39 -11.08
N CYS A 136 -16.83 18.50 -10.10
CA CYS A 136 -15.80 17.62 -9.56
C CYS A 136 -15.62 16.40 -10.53
N ASP A 137 -14.52 16.34 -11.32
CA ASP A 137 -14.35 15.26 -12.30
C ASP A 137 -13.33 14.20 -12.01
N VAL A 138 -12.47 14.38 -11.02
CA VAL A 138 -11.47 13.38 -10.65
C VAL A 138 -11.40 13.31 -9.14
N LEU A 139 -11.31 12.10 -8.61
CA LEU A 139 -11.18 11.86 -7.19
C LEU A 139 -9.98 10.93 -7.01
N ARG A 140 -9.00 11.33 -6.19
CA ARG A 140 -7.82 10.53 -5.95
C ARG A 140 -7.71 10.25 -4.45
N ILE A 141 -7.64 8.99 -4.06
CA ILE A 141 -7.57 8.59 -2.66
C ILE A 141 -6.20 8.01 -2.36
N ALA A 142 -5.43 8.64 -1.45
CA ALA A 142 -4.08 8.19 -1.12
C ALA A 142 -3.94 7.72 0.31
N ALA A 143 -3.47 6.49 0.51
CA ALA A 143 -3.20 5.98 1.86
C ALA A 143 -1.97 6.71 2.41
N ARG A 144 -2.10 7.34 3.58
CA ARG A 144 -0.97 8.03 4.20
C ARG A 144 -0.77 7.60 5.68
N PRO A 145 -0.57 6.31 6.00
CA PRO A 145 -0.41 5.95 7.42
C PRO A 145 0.85 6.47 8.06
N SER A 146 0.76 6.81 9.32
CA SER A 146 1.90 7.28 10.09
C SER A 146 1.91 6.56 11.46
N ARG A 147 2.98 6.73 12.25
CA ARG A 147 3.06 6.13 13.57
C ARG A 147 1.94 6.65 14.48
N GLU A 148 1.62 7.93 14.37
CA GLU A 148 0.60 8.54 15.21
C GLU A 148 -0.81 8.26 14.71
N HIS A 149 -1.00 8.19 13.38
CA HIS A 149 -2.31 7.95 12.79
C HIS A 149 -2.23 6.86 11.72
N SER A 150 -2.38 5.61 12.15
CA SER A 150 -2.28 4.45 11.28
C SER A 150 -3.41 4.33 10.22
N GLU A 151 -4.56 4.98 10.42
CA GLU A 151 -5.63 4.91 9.41
C GLU A 151 -5.77 6.19 8.60
N GLN A 152 -4.79 7.09 8.66
CA GLN A 152 -4.83 8.35 7.94
C GLN A 152 -4.85 8.17 6.43
N ILE A 153 -5.74 8.91 5.74
CA ILE A 153 -5.85 8.95 4.28
C ILE A 153 -6.01 10.40 3.80
N ARG A 154 -5.74 10.63 2.51
CA ARG A 154 -5.97 11.94 1.89
C ARG A 154 -6.84 11.79 0.68
N VAL A 155 -7.89 12.58 0.57
CA VAL A 155 -8.75 12.59 -0.60
C VAL A 155 -8.47 13.88 -1.35
N GLU A 156 -8.15 13.77 -2.63
CA GLU A 156 -7.84 14.91 -3.49
C GLU A 156 -8.94 15.00 -4.55
N VAL A 157 -9.64 16.13 -4.61
CA VAL A 157 -10.73 16.33 -5.57
C VAL A 157 -10.31 17.35 -6.63
N TRP A 158 -10.42 17.02 -7.93
CA TRP A 158 -10.07 17.97 -9.00
C TRP A 158 -11.33 18.57 -9.57
N LEU A 159 -11.44 19.89 -9.51
CA LEU A 159 -12.60 20.60 -10.04
C LEU A 159 -12.24 21.15 -11.42
N SER A 160 -13.16 21.07 -12.37
CA SER A 160 -12.91 21.64 -13.71
C SER A 160 -13.05 23.18 -13.72
N ASP A 161 -13.77 23.75 -12.73
CA ASP A 161 -13.94 25.20 -12.61
C ASP A 161 -13.52 25.68 -11.22
N SER A 162 -12.40 26.40 -11.15
CA SER A 162 -11.84 26.92 -9.91
C SER A 162 -12.72 27.95 -9.21
N THR A 163 -13.63 28.60 -9.95
CA THR A 163 -14.54 29.57 -9.34
C THR A 163 -15.64 28.89 -8.48
N ARG A 164 -15.77 27.55 -8.54
CA ARG A 164 -16.73 26.82 -7.70
C ARG A 164 -16.09 26.26 -6.40
N SER A 165 -14.77 26.42 -6.25
CA SER A 165 -13.96 25.91 -5.14
C SER A 165 -14.47 26.33 -3.75
N HIS A 166 -14.67 27.63 -3.52
CA HIS A 166 -15.13 28.10 -2.23
C HIS A 166 -16.49 27.49 -1.82
N ALA A 167 -17.45 27.45 -2.74
CA ALA A 167 -18.75 26.87 -2.43
C ALA A 167 -18.68 25.38 -2.11
N VAL A 168 -17.86 24.61 -2.86
CA VAL A 168 -17.71 23.18 -2.63
C VAL A 168 -16.99 22.94 -1.30
N ALA A 169 -15.89 23.65 -1.06
CA ALA A 169 -15.13 23.49 0.17
C ALA A 169 -15.97 23.85 1.40
N GLU A 170 -16.77 24.93 1.32
CA GLU A 170 -17.62 25.32 2.45
C GLU A 170 -18.76 24.32 2.64
N PHE A 171 -19.29 23.75 1.55
CA PHE A 171 -20.32 22.72 1.65
C PHE A 171 -19.77 21.50 2.40
N LEU A 172 -18.55 21.07 2.06
CA LEU A 172 -17.93 19.93 2.70
C LEU A 172 -17.67 20.22 4.17
N ALA A 173 -17.21 21.44 4.51
CA ALA A 173 -16.93 21.80 5.89
C ALA A 173 -18.20 21.84 6.74
N GLU A 174 -19.30 22.37 6.21
CA GLU A 174 -20.55 22.40 6.97
C GLU A 174 -21.09 20.97 7.15
N ALA A 175 -20.90 20.06 6.16
CA ALA A 175 -21.38 18.68 6.25
C ALA A 175 -20.57 17.82 7.23
N MET A 176 -19.25 18.04 7.32
CA MET A 176 -18.39 17.33 8.25
C MET A 176 -18.69 17.75 9.70
N ARG A 177 -18.99 19.04 9.93
CA ARG A 177 -19.37 19.50 11.25
C ARG A 177 -20.73 18.89 11.62
N ALA A 178 -21.69 18.89 10.68
CA ALA A 178 -23.01 18.30 10.95
C ALA A 178 -22.95 16.80 11.24
N LYS A 179 -21.85 16.13 10.85
CA LYS A 179 -21.65 14.72 11.19
C LYS A 179 -21.14 14.52 12.65
N GLY A 180 -20.92 15.60 13.39
CA GLY A 180 -20.40 15.52 14.76
C GLY A 180 -18.92 15.17 14.80
N LEU A 181 -18.22 15.32 13.67
CA LEU A 181 -16.82 14.97 13.59
C LEU A 181 -15.94 15.95 14.32
N ALA A 182 -14.90 15.42 14.95
CA ALA A 182 -13.96 16.19 15.76
C ALA A 182 -13.07 17.07 14.90
N ALA A 183 -12.91 18.34 15.30
CA ALA A 183 -12.09 19.36 14.61
C ALA A 183 -10.64 18.95 14.45
N ASN A 184 -10.09 18.21 15.40
CA ASN A 184 -8.70 17.74 15.33
C ASN A 184 -8.51 16.51 14.44
N SER A 185 -9.59 15.95 13.88
CA SER A 185 -9.53 14.69 13.12
C SER A 185 -9.47 14.83 11.59
N TYR A 186 -9.56 16.06 11.09
CA TYR A 186 -9.55 16.29 9.65
C TYR A 186 -9.21 17.73 9.30
N ASN A 187 -8.84 17.97 8.03
CA ASN A 187 -8.63 19.32 7.54
C ASN A 187 -8.95 19.43 6.05
N ILE A 188 -9.46 20.60 5.65
CA ILE A 188 -9.83 20.86 4.29
C ILE A 188 -9.02 22.02 3.78
N ALA A 189 -8.41 21.87 2.61
CA ALA A 189 -7.61 22.93 2.03
C ALA A 189 -7.92 23.10 0.54
N GLU A 190 -7.87 24.32 0.05
CA GLU A 190 -8.05 24.62 -1.37
C GLU A 190 -6.68 24.97 -1.91
N ALA A 191 -6.34 24.45 -3.08
CA ALA A 191 -5.04 24.73 -3.69
C ALA A 191 -5.10 24.66 -5.19
N SER A 192 -4.14 25.33 -5.86
CA SER A 192 -4.03 25.23 -7.30
C SER A 192 -3.39 23.86 -7.62
N PHE A 193 -3.41 23.46 -8.89
CA PHE A 193 -2.81 22.20 -9.30
C PHE A 193 -1.30 22.16 -9.06
N ASP A 194 -0.59 23.27 -9.31
CA ASP A 194 0.87 23.49 -9.12
C ASP A 194 1.67 22.30 -8.56
N THR B 11 32.40 -9.29 9.17
CA THR B 11 31.58 -8.33 9.91
C THR B 11 31.03 -7.25 8.96
N HIS B 12 29.70 -7.06 8.98
CA HIS B 12 28.95 -6.08 8.19
C HIS B 12 28.73 -6.52 6.71
N ALA B 13 29.11 -7.74 6.34
CA ALA B 13 28.80 -8.28 5.02
C ALA B 13 27.67 -9.32 5.14
N LEU B 14 26.94 -9.57 4.04
CA LEU B 14 25.91 -10.60 4.02
C LEU B 14 26.52 -11.84 3.34
N ARG B 15 26.11 -13.06 3.76
CA ARG B 15 26.59 -14.27 3.07
C ARG B 15 25.80 -14.37 1.76
N ASP B 16 26.48 -14.53 0.62
CA ASP B 16 25.84 -14.56 -0.71
C ASP B 16 25.09 -13.24 -1.03
N LYS B 17 24.52 -13.14 -2.23
CA LYS B 17 23.76 -11.97 -2.62
C LYS B 17 22.27 -12.26 -2.51
N TRP B 18 21.52 -11.26 -2.08
CA TRP B 18 20.09 -11.35 -1.92
C TRP B 18 19.44 -10.34 -2.85
N PHE B 19 18.42 -10.74 -3.64
CA PHE B 19 17.72 -9.80 -4.51
C PHE B 19 16.52 -9.23 -3.78
N VAL B 20 16.39 -7.91 -3.80
CA VAL B 20 15.29 -7.22 -3.14
C VAL B 20 14.25 -6.77 -4.16
N SER B 21 12.98 -7.03 -3.87
CA SER B 21 11.90 -6.61 -4.73
C SER B 21 10.69 -6.22 -3.91
N PHE B 22 9.87 -5.35 -4.48
CA PHE B 22 8.67 -4.90 -3.82
C PHE B 22 7.47 -5.31 -4.66
N LEU B 23 6.56 -6.10 -4.08
CA LEU B 23 5.38 -6.55 -4.79
C LEU B 23 4.19 -5.85 -4.24
N PRO B 24 3.60 -4.92 -5.00
CA PRO B 24 2.40 -4.23 -4.49
C PRO B 24 1.16 -5.12 -4.59
N LEU B 25 0.01 -4.59 -4.13
CA LEU B 25 -1.25 -5.29 -4.22
C LEU B 25 -1.57 -5.58 -5.70
N LEU B 26 -1.88 -6.84 -6.04
CA LEU B 26 -2.29 -7.18 -7.40
C LEU B 26 -3.81 -7.21 -7.35
N THR B 27 -4.45 -6.44 -8.23
CA THR B 27 -5.88 -6.37 -8.25
C THR B 27 -6.44 -7.36 -9.27
N ALA B 28 -7.59 -7.97 -8.93
CA ALA B 28 -8.26 -9.03 -9.68
C ALA B 28 -8.59 -8.72 -11.13
N ASP B 29 -9.24 -7.58 -11.47
CA ASP B 29 -9.58 -7.33 -12.89
C ASP B 29 -8.37 -7.28 -13.79
N MET B 30 -7.26 -6.71 -13.30
CA MET B 30 -6.03 -6.66 -14.06
C MET B 30 -5.46 -8.08 -14.27
N VAL B 31 -5.45 -8.91 -13.21
CA VAL B 31 -4.91 -10.27 -13.35
C VAL B 31 -5.74 -11.08 -14.32
N ASN B 32 -7.09 -10.99 -14.23
CA ASN B 32 -7.98 -11.72 -15.13
C ASN B 32 -7.95 -11.20 -16.57
N THR B 33 -7.99 -9.87 -16.78
CA THR B 33 -8.03 -9.32 -18.15
C THR B 33 -6.65 -9.27 -18.84
N ASP B 34 -5.59 -8.82 -18.15
CA ASP B 34 -4.26 -8.69 -18.77
C ASP B 34 -3.38 -9.91 -18.68
N TYR B 35 -3.56 -10.74 -17.64
CA TYR B 35 -2.68 -11.90 -17.45
C TYR B 35 -3.44 -13.25 -17.47
N LYS B 36 -4.67 -13.27 -17.99
CA LYS B 36 -5.54 -14.43 -18.14
C LYS B 36 -5.73 -15.24 -16.86
N GLY B 37 -5.84 -14.54 -15.73
CA GLY B 37 -6.04 -15.16 -14.43
C GLY B 37 -4.81 -15.86 -13.88
N ASN B 38 -3.63 -15.57 -14.41
CA ASN B 38 -2.39 -16.20 -13.97
C ASN B 38 -1.67 -15.24 -13.01
N TRP B 39 -1.71 -15.56 -11.70
CA TRP B 39 -1.14 -14.72 -10.66
C TRP B 39 0.39 -14.77 -10.62
N GLN B 40 1.01 -15.84 -11.20
CA GLN B 40 2.47 -15.99 -11.28
C GLN B 40 3.01 -15.02 -12.31
N LEU B 41 2.38 -15.01 -13.51
CA LEU B 41 2.73 -14.11 -14.61
C LEU B 41 2.46 -12.66 -14.17
N ALA B 42 1.32 -12.40 -13.49
CA ALA B 42 1.04 -11.04 -13.01
C ALA B 42 2.12 -10.54 -12.05
N ALA B 43 2.56 -11.38 -11.10
CA ALA B 43 3.63 -11.03 -10.17
C ALA B 43 4.97 -10.82 -10.94
N GLN B 44 5.30 -11.63 -11.98
CA GLN B 44 6.53 -11.43 -12.77
C GLN B 44 6.51 -10.04 -13.46
N GLU B 45 5.34 -9.65 -13.97
CA GLU B 45 5.20 -8.39 -14.70
C GLU B 45 5.01 -7.16 -13.80
N ARG B 46 4.32 -7.31 -12.64
CA ARG B 46 4.03 -6.17 -11.77
C ARG B 46 4.87 -6.08 -10.48
N THR B 47 5.76 -7.08 -10.13
CA THR B 47 6.65 -6.78 -8.98
C THR B 47 7.65 -5.69 -9.46
N GLN B 48 8.08 -4.89 -8.53
CA GLN B 48 8.99 -3.80 -8.83
C GLN B 48 10.33 -4.21 -8.29
N LYS B 49 11.26 -4.52 -9.17
CA LYS B 49 12.57 -4.99 -8.77
C LYS B 49 13.42 -3.87 -8.26
N LEU B 50 14.18 -4.14 -7.19
CA LEU B 50 15.12 -3.17 -6.68
C LEU B 50 16.49 -3.62 -7.21
N ASP B 51 17.34 -4.26 -6.40
CA ASP B 51 18.64 -4.74 -6.88
C ASP B 51 19.25 -5.75 -5.86
N TRP B 52 20.40 -6.32 -6.20
CA TRP B 52 21.11 -7.23 -5.30
C TRP B 52 21.67 -6.42 -4.13
N ILE B 53 21.67 -7.01 -2.94
CA ILE B 53 22.34 -6.44 -1.77
C ILE B 53 23.40 -7.47 -1.31
N THR B 54 24.60 -6.99 -1.01
CA THR B 54 25.71 -7.82 -0.54
C THR B 54 26.30 -7.35 0.82
N SER B 55 25.79 -6.25 1.39
CA SER B 55 26.31 -5.70 2.62
C SER B 55 25.21 -5.11 3.46
N VAL B 56 25.51 -4.91 4.76
CA VAL B 56 24.55 -4.30 5.69
C VAL B 56 24.27 -2.82 5.28
N GLU B 57 25.26 -2.12 4.74
CA GLU B 57 25.04 -0.74 4.27
C GLU B 57 24.10 -0.69 3.06
N GLU B 58 24.21 -1.67 2.14
CA GLU B 58 23.31 -1.79 1.00
C GLU B 58 21.91 -2.16 1.48
N LEU B 59 21.82 -3.00 2.52
CA LEU B 59 20.53 -3.38 3.11
C LEU B 59 19.85 -2.13 3.72
N TRP B 60 20.55 -1.37 4.59
CA TRP B 60 19.94 -0.19 5.20
C TRP B 60 19.63 0.92 4.21
N SER B 61 20.44 1.09 3.16
CA SER B 61 20.16 2.07 2.13
C SER B 61 18.90 1.69 1.37
N THR B 62 18.71 0.38 1.09
CA THR B 62 17.52 -0.13 0.40
C THR B 62 16.27 0.12 1.26
N MET B 63 16.33 -0.23 2.56
CA MET B 63 15.20 -0.03 3.48
C MET B 63 14.83 1.44 3.62
N ASN B 64 15.85 2.33 3.65
CA ASN B 64 15.65 3.76 3.83
C ASN B 64 15.09 4.43 2.59
N SER B 65 15.22 3.81 1.40
CA SER B 65 14.64 4.38 0.18
C SER B 65 13.10 4.17 0.08
N LEU B 66 12.54 3.31 0.95
CA LEU B 66 11.13 2.96 0.94
C LEU B 66 10.44 3.53 2.17
N PRO B 67 9.09 3.65 2.16
CA PRO B 67 8.38 3.98 3.41
C PRO B 67 8.65 2.86 4.45
N LYS B 68 8.32 3.10 5.72
CA LYS B 68 8.49 2.06 6.74
C LYS B 68 7.60 0.85 6.41
N VAL B 69 8.02 -0.37 6.76
CA VAL B 69 7.26 -1.57 6.45
C VAL B 69 5.76 -1.48 6.81
N HIS B 70 5.41 -0.92 8.01
CA HIS B 70 4.00 -0.77 8.39
C HIS B 70 3.21 0.15 7.46
N GLN B 71 3.90 0.99 6.70
CA GLN B 71 3.28 1.87 5.73
C GLN B 71 3.24 1.32 4.32
N LEU B 72 3.89 0.19 4.03
CA LEU B 72 3.91 -0.37 2.66
C LEU B 72 2.53 -0.84 2.17
N GLY B 73 1.66 -1.22 3.08
CA GLY B 73 0.32 -1.69 2.75
C GLY B 73 0.05 -3.14 3.06
N MET B 74 -1.18 -3.48 3.50
CA MET B 74 -1.54 -4.86 3.80
C MET B 74 -1.36 -5.82 2.59
N GLY B 75 -1.75 -5.42 1.39
CA GLY B 75 -1.60 -6.27 0.22
C GLY B 75 -0.19 -6.39 -0.37
N SER B 76 0.74 -5.55 0.10
CA SER B 76 2.13 -5.46 -0.38
C SER B 76 3.09 -6.43 0.33
N THR B 77 4.22 -6.77 -0.33
CA THR B 77 5.24 -7.60 0.30
C THR B 77 6.62 -7.11 -0.14
N LEU B 78 7.54 -6.99 0.81
CA LEU B 78 8.92 -6.64 0.51
C LEU B 78 9.66 -7.98 0.59
N ILE B 79 10.29 -8.39 -0.51
CA ILE B 79 10.90 -9.72 -0.61
C ILE B 79 12.43 -9.70 -0.76
N PHE B 80 13.12 -10.60 -0.02
CA PHE B 80 14.57 -10.79 -0.13
C PHE B 80 14.79 -12.25 -0.53
N ALA B 81 15.35 -12.49 -1.72
CA ALA B 81 15.53 -13.87 -2.18
C ALA B 81 16.98 -14.16 -2.48
N ARG B 82 17.55 -15.15 -1.79
CA ARG B 82 18.96 -15.52 -2.00
C ARG B 82 19.15 -16.04 -3.41
N ASN B 83 20.06 -15.42 -4.16
CA ASN B 83 20.49 -15.78 -5.52
C ASN B 83 19.39 -15.88 -6.57
N ASN B 84 18.26 -15.16 -6.40
CA ASN B 84 17.15 -15.29 -7.36
C ASN B 84 16.47 -13.97 -7.63
N LYS B 85 16.43 -13.54 -8.92
CA LYS B 85 15.78 -12.29 -9.36
C LYS B 85 14.29 -12.44 -9.62
N GLU B 86 13.78 -13.67 -9.70
CA GLU B 86 12.36 -13.90 -9.98
C GLU B 86 11.54 -14.00 -8.68
N PRO B 87 10.20 -13.78 -8.72
CA PRO B 87 9.40 -13.93 -7.49
C PRO B 87 9.53 -15.34 -6.92
N PRO B 88 9.95 -15.46 -5.65
CA PRO B 88 10.15 -16.79 -5.07
C PRO B 88 8.84 -17.54 -4.89
N SER B 89 8.90 -18.86 -5.02
CA SER B 89 7.76 -19.77 -4.90
C SER B 89 8.06 -20.81 -3.83
N TYR B 90 7.10 -21.16 -2.96
CA TYR B 90 7.42 -22.16 -1.92
C TYR B 90 7.55 -23.59 -2.52
N GLU B 91 7.09 -23.78 -3.77
CA GLU B 91 7.25 -25.01 -4.56
C GLU B 91 8.76 -25.33 -4.81
N ALA B 92 9.64 -24.34 -4.62
CA ALA B 92 11.09 -24.52 -4.73
C ALA B 92 11.66 -25.43 -3.63
N TYR B 93 10.90 -25.68 -2.55
CA TYR B 93 11.35 -26.46 -1.43
C TYR B 93 10.43 -27.64 -1.17
N PRO B 94 10.72 -28.78 -1.85
CA PRO B 94 9.95 -30.01 -1.63
C PRO B 94 9.83 -30.45 -0.17
N ASN B 95 10.88 -30.34 0.66
CA ASN B 95 10.71 -30.64 2.09
C ASN B 95 11.04 -29.43 2.96
N GLY B 96 10.71 -28.24 2.49
CA GLY B 96 10.91 -27.03 3.27
C GLY B 96 9.71 -26.67 4.13
N SER B 97 9.85 -25.60 4.92
CA SER B 97 8.78 -25.09 5.78
C SER B 97 9.07 -23.61 6.12
N ARG B 98 8.26 -22.99 7.00
CA ARG B 98 8.45 -21.57 7.30
C ARG B 98 8.36 -21.21 8.78
N ILE B 99 8.97 -20.05 9.13
CA ILE B 99 8.95 -19.51 10.48
C ILE B 99 8.35 -18.10 10.38
N MET B 100 7.32 -17.83 11.18
CA MET B 100 6.69 -16.52 11.18
C MET B 100 7.10 -15.81 12.46
N ILE B 101 7.57 -14.58 12.33
CA ILE B 101 7.93 -13.74 13.47
C ILE B 101 7.05 -12.51 13.41
N ASN B 102 6.12 -12.35 14.37
CA ASN B 102 5.26 -11.18 14.40
C ASN B 102 5.87 -10.14 15.33
N LEU B 103 6.00 -8.92 14.85
CA LEU B 103 6.55 -7.81 15.63
C LEU B 103 5.38 -6.85 15.87
N LEU B 104 4.90 -6.79 17.12
CA LEU B 104 3.66 -6.08 17.47
C LEU B 104 3.69 -4.56 17.45
N LYS B 105 4.76 -3.96 18.00
CA LYS B 105 4.78 -2.50 18.16
C LYS B 105 6.21 -1.95 18.29
N PRO B 106 6.41 -0.63 18.06
CA PRO B 106 7.75 -0.05 18.29
C PRO B 106 8.12 -0.10 19.77
N PRO B 107 9.42 -0.16 20.11
CA PRO B 107 10.56 -0.18 19.19
C PRO B 107 10.88 -1.57 18.63
N THR B 108 10.14 -2.63 19.03
CA THR B 108 10.37 -3.99 18.53
C THR B 108 10.20 -4.10 17.02
N THR B 109 9.28 -3.34 16.43
CA THR B 109 9.07 -3.35 14.98
C THR B 109 10.25 -2.80 14.15
N ASP B 110 11.12 -1.99 14.77
CA ASP B 110 12.30 -1.47 14.10
C ASP B 110 13.52 -2.32 14.48
N ALA B 111 13.82 -2.43 15.79
CA ALA B 111 14.95 -3.18 16.31
C ALA B 111 14.91 -4.67 15.98
N GLY B 112 13.73 -5.26 16.07
CA GLY B 112 13.51 -6.67 15.79
C GLY B 112 13.67 -6.96 14.31
N LEU B 113 13.20 -6.04 13.45
CA LEU B 113 13.32 -6.21 12.01
C LEU B 113 14.81 -6.16 11.64
N GLU B 114 15.56 -5.20 12.21
CA GLU B 114 16.99 -5.05 11.94
C GLU B 114 17.74 -6.29 12.37
N LEU B 115 17.43 -6.80 13.56
CA LEU B 115 18.08 -7.99 14.07
C LEU B 115 17.81 -9.21 13.19
N VAL B 116 16.54 -9.47 12.83
CA VAL B 116 16.19 -10.63 12.00
C VAL B 116 16.85 -10.54 10.63
N LEU B 117 16.83 -9.34 10.01
CA LEU B 117 17.48 -9.14 8.70
C LEU B 117 18.98 -9.49 8.80
N ALA B 118 19.64 -9.03 9.86
CA ALA B 118 21.05 -9.29 10.08
C ALA B 118 21.35 -10.76 10.40
N VAL B 119 20.61 -11.40 11.32
CA VAL B 119 20.84 -12.80 11.66
C VAL B 119 20.62 -13.73 10.46
N VAL B 120 19.60 -13.47 9.64
CA VAL B 120 19.29 -14.32 8.50
C VAL B 120 20.25 -14.13 7.33
N MET B 121 20.48 -12.88 6.92
CA MET B 121 21.31 -12.63 5.76
C MET B 121 22.79 -12.44 6.06
N GLY B 122 23.09 -11.98 7.27
CA GLY B 122 24.45 -11.68 7.74
C GLY B 122 25.39 -12.85 7.79
N GLU B 123 26.67 -12.56 7.57
CA GLU B 123 27.77 -13.52 7.53
C GLU B 123 28.34 -13.64 8.93
N THR B 124 28.15 -14.80 9.58
CA THR B 124 28.66 -14.97 10.96
C THR B 124 29.74 -16.07 11.08
N ALA B 125 30.12 -16.73 9.97
CA ALA B 125 31.14 -17.79 10.03
C ALA B 125 32.23 -17.62 8.98
N PRO B 134 23.41 -23.17 5.99
CA PRO B 134 22.39 -22.14 6.14
C PRO B 134 21.21 -22.41 5.20
N VAL B 135 20.08 -22.84 5.77
CA VAL B 135 18.92 -23.21 4.97
C VAL B 135 17.90 -22.12 4.75
N CYS B 136 18.00 -20.98 5.47
CA CYS B 136 17.05 -19.88 5.27
C CYS B 136 17.35 -19.26 3.91
N ASP B 137 16.40 -19.35 3.00
CA ASP B 137 16.60 -18.94 1.62
C ASP B 137 15.77 -17.73 1.14
N VAL B 138 14.63 -17.46 1.79
CA VAL B 138 13.76 -16.34 1.40
C VAL B 138 13.31 -15.61 2.67
N LEU B 139 13.12 -14.30 2.56
CA LEU B 139 12.63 -13.50 3.67
C LEU B 139 11.55 -12.59 3.09
N ARG B 140 10.33 -12.65 3.62
CA ARG B 140 9.22 -11.84 3.14
C ARG B 140 8.69 -10.98 4.28
N ILE B 141 8.57 -9.68 4.04
CA ILE B 141 8.12 -8.76 5.08
C ILE B 141 6.82 -8.08 4.65
N ALA B 142 5.86 -7.98 5.58
CA ALA B 142 4.58 -7.35 5.29
C ALA B 142 3.92 -6.73 6.52
N ALA B 143 3.09 -5.71 6.30
CA ALA B 143 2.28 -5.11 7.33
C ALA B 143 1.14 -6.10 7.63
N ARG B 144 0.88 -6.37 8.92
CA ARG B 144 -0.22 -7.25 9.33
C ARG B 144 -0.94 -6.58 10.51
N PRO B 145 -1.63 -5.45 10.25
CA PRO B 145 -2.28 -4.69 11.34
C PRO B 145 -3.49 -5.37 11.96
N SER B 146 -3.74 -5.06 13.23
CA SER B 146 -4.91 -5.53 13.96
C SER B 146 -5.53 -4.34 14.71
N ARG B 147 -6.72 -4.53 15.28
CA ARG B 147 -7.39 -3.45 16.01
C ARG B 147 -6.54 -3.00 17.20
N GLU B 148 -5.92 -3.96 17.87
CA GLU B 148 -5.11 -3.66 19.06
C GLU B 148 -3.70 -3.19 18.73
N HIS B 149 -3.12 -3.69 17.63
CA HIS B 149 -1.78 -3.33 17.21
C HIS B 149 -1.76 -2.94 15.74
N SER B 150 -2.04 -1.67 15.47
CA SER B 150 -2.08 -1.13 14.13
C SER B 150 -0.71 -1.07 13.41
N GLU B 151 0.41 -1.13 14.15
CA GLU B 151 1.75 -1.10 13.52
C GLU B 151 2.41 -2.50 13.41
N GLN B 152 1.65 -3.56 13.69
CA GLN B 152 2.16 -4.90 13.64
C GLN B 152 2.62 -5.31 12.24
N ILE B 153 3.82 -5.90 12.16
CA ILE B 153 4.40 -6.42 10.91
C ILE B 153 4.81 -7.87 11.11
N ARG B 154 4.96 -8.61 10.02
CA ARG B 154 5.31 -9.99 10.11
C ARG B 154 6.45 -10.28 9.19
N VAL B 155 7.44 -10.99 9.69
CA VAL B 155 8.55 -11.45 8.89
C VAL B 155 8.36 -12.96 8.71
N GLU B 156 8.37 -13.41 7.45
CA GLU B 156 8.17 -14.81 7.09
C GLU B 156 9.48 -15.32 6.51
N VAL B 157 10.05 -16.37 7.10
CA VAL B 157 11.31 -16.96 6.66
C VAL B 157 11.04 -18.33 6.04
N TRP B 158 11.51 -18.59 4.80
CA TRP B 158 11.33 -19.90 4.18
C TRP B 158 12.62 -20.69 4.30
N LEU B 159 12.52 -21.89 4.87
CA LEU B 159 13.69 -22.76 5.05
C LEU B 159 13.63 -23.86 4.00
N SER B 160 14.79 -24.21 3.42
CA SER B 160 14.82 -25.29 2.43
C SER B 160 14.72 -26.68 3.05
N ASP B 161 15.05 -26.81 4.35
CA ASP B 161 14.97 -28.08 5.04
C ASP B 161 14.13 -27.92 6.32
N SER B 162 12.94 -28.53 6.32
CA SER B 162 12.02 -28.49 7.44
C SER B 162 12.54 -29.19 8.69
N THR B 163 13.46 -30.15 8.54
CA THR B 163 14.03 -30.83 9.70
C THR B 163 14.96 -29.94 10.53
N ARG B 164 15.31 -28.76 10.01
CA ARG B 164 16.12 -27.79 10.74
C ARG B 164 15.26 -26.64 11.31
N SER B 165 13.92 -26.74 11.20
CA SER B 165 12.99 -25.73 11.69
C SER B 165 13.17 -25.43 13.17
N HIS B 166 13.19 -26.45 14.05
CA HIS B 166 13.35 -26.21 15.49
CA HIS B 166 13.35 -26.22 15.49
C HIS B 166 14.68 -25.52 15.83
N ALA B 167 15.80 -25.98 15.22
CA ALA B 167 17.10 -25.37 15.50
C ALA B 167 17.16 -23.90 15.07
N VAL B 168 16.59 -23.57 13.91
CA VAL B 168 16.57 -22.20 13.42
C VAL B 168 15.66 -21.34 14.29
N ALA B 169 14.47 -21.87 14.67
CA ALA B 169 13.53 -21.16 15.53
C ALA B 169 14.14 -20.85 16.89
N GLU B 170 14.88 -21.81 17.47
CA GLU B 170 15.52 -21.59 18.77
C GLU B 170 16.69 -20.62 18.65
N PHE B 171 17.42 -20.65 17.52
CA PHE B 171 18.50 -19.71 17.28
C PHE B 171 17.96 -18.28 17.22
N LEU B 172 16.83 -18.08 16.52
CA LEU B 172 16.21 -16.77 16.41
C LEU B 172 15.69 -16.30 17.77
N ALA B 173 15.08 -17.21 18.56
CA ALA B 173 14.58 -16.85 19.89
C ALA B 173 15.70 -16.42 20.82
N GLU B 174 16.85 -17.09 20.73
CA GLU B 174 18.00 -16.73 21.57
C GLU B 174 18.58 -15.37 21.15
N ALA B 175 18.57 -15.08 19.84
CA ALA B 175 19.08 -13.81 19.34
C ALA B 175 18.16 -12.61 19.67
N MET B 176 16.83 -12.82 19.68
CA MET B 176 15.86 -11.78 20.02
C MET B 176 15.95 -11.43 21.52
N ARG B 177 16.13 -12.45 22.38
CA ARG B 177 16.33 -12.21 23.79
C ARG B 177 17.64 -11.45 24.03
N ALA B 178 18.71 -11.84 23.34
CA ALA B 178 20.01 -11.19 23.49
C ALA B 178 19.99 -9.73 23.01
N LYS B 179 19.14 -9.41 22.03
CA LYS B 179 19.01 -8.07 21.45
C LYS B 179 18.40 -7.03 22.41
N GLY B 180 17.68 -7.48 23.42
CA GLY B 180 16.99 -6.57 24.33
C GLY B 180 15.66 -6.13 23.76
N LEU B 181 14.69 -7.07 23.65
CA LEU B 181 13.35 -6.85 23.12
C LEU B 181 12.28 -7.29 24.14
N ALA B 182 11.20 -6.50 24.35
CA ALA B 182 10.16 -6.87 25.34
C ALA B 182 9.45 -8.16 24.96
N ALA B 183 9.30 -9.08 25.90
CA ALA B 183 8.66 -10.38 25.71
C ALA B 183 7.22 -10.30 25.18
N ASN B 184 6.47 -9.26 25.59
CA ASN B 184 5.09 -9.06 25.14
C ASN B 184 4.98 -8.43 23.75
N SER B 185 6.11 -8.07 23.12
CA SER B 185 6.08 -7.34 21.87
C SER B 185 6.34 -8.15 20.61
N TYR B 186 6.61 -9.46 20.75
CA TYR B 186 6.87 -10.30 19.59
C TYR B 186 6.59 -11.77 19.85
N ASN B 187 6.42 -12.56 18.78
CA ASN B 187 6.26 -13.99 18.90
C ASN B 187 6.84 -14.74 17.70
N ILE B 188 7.29 -15.98 17.94
CA ILE B 188 7.87 -16.82 16.89
C ILE B 188 7.03 -18.09 16.76
N ALA B 189 6.67 -18.46 15.53
CA ALA B 189 5.87 -19.64 15.28
C ALA B 189 6.44 -20.45 14.09
N GLU B 190 6.33 -21.76 14.14
CA GLU B 190 6.76 -22.63 13.05
C GLU B 190 5.52 -23.15 12.35
N ALA B 191 5.54 -23.20 11.01
CA ALA B 191 4.39 -23.69 10.25
C ALA B 191 4.80 -24.29 8.92
N SER B 192 3.96 -25.15 8.37
CA SER B 192 4.19 -25.69 7.04
C SER B 192 3.82 -24.58 6.01
N PHE B 193 4.22 -24.76 4.74
CA PHE B 193 3.90 -23.77 3.70
C PHE B 193 2.38 -23.70 3.50
N ASP B 194 1.83 -22.51 3.26
CA ASP B 194 0.39 -22.36 3.07
C ASP B 194 -0.21 -23.21 1.93
#